data_2VIF
#
_entry.id   2VIF
#
_cell.length_a   30.377
_cell.length_b   60.143
_cell.length_c   71.367
_cell.angle_alpha   90.00
_cell.angle_beta   90.00
_cell.angle_gamma   90.00
#
_symmetry.space_group_name_H-M   'P 21 21 21'
#
loop_
_entity.id
_entity.type
_entity.pdbx_description
1 polymer 'SUPPRESSOR OF CYTOKINE SIGNALLING 6'
2 polymer 'MAST/STEM CELL GROWTH FACTOR RECEPTOR'
3 non-polymer 1,2-ETHANEDIOL
4 water water
#
loop_
_entity_poly.entity_id
_entity_poly.type
_entity_poly.pdbx_seq_one_letter_code
_entity_poly.pdbx_strand_id
1 'polypeptide(L)'
;SMVQSSGPMDVTSLTEELKKLAKQGWYWGPITRWEAEGKLANVPDGSFLVRDSSDDRYLLSLSFRSHGKTLHTRIEHSNG
RFSFYEQPDVEGHTSIVDLIEHSIGDSENGAFCYSRSRLPGSATYPVRLTNPVSRFMQVRS
;
A
2 'polypeptide(L)' NGNN(PTR)VYIDPT P
#
loop_
_chem_comp.id
_chem_comp.type
_chem_comp.name
_chem_comp.formula
EDO non-polymer 1,2-ETHANEDIOL 'C2 H6 O2'
#
# COMPACT_ATOMS: atom_id res chain seq x y z
N SER A 1 25.02 -9.91 15.78
CA SER A 1 24.77 -11.25 16.43
C SER A 1 23.32 -11.73 16.24
N MET A 2 22.41 -10.81 15.93
CA MET A 2 21.00 -11.14 16.09
C MET A 2 20.45 -12.11 15.06
N VAL A 3 19.42 -12.82 15.50
CA VAL A 3 18.64 -13.67 14.64
C VAL A 3 17.25 -13.09 14.53
N GLN A 4 16.55 -13.51 13.49
CA GLN A 4 15.22 -13.02 13.20
C GLN A 4 14.23 -13.87 13.98
N SER A 5 13.05 -13.34 14.23
CA SER A 5 11.99 -14.07 14.90
C SER A 5 11.18 -14.93 13.92
N SER A 13 -1.12 -17.72 5.91
CA SER A 13 -0.95 -18.12 4.53
C SER A 13 -1.29 -16.91 3.66
N LEU A 14 -0.24 -16.49 2.96
CA LEU A 14 -0.33 -15.45 1.95
C LEU A 14 -1.25 -15.87 0.83
N THR A 15 -1.15 -17.13 0.41
CA THR A 15 -2.01 -17.58 -0.69
C THR A 15 -3.48 -17.53 -0.30
N GLU A 16 -3.78 -17.94 0.93
CA GLU A 16 -5.18 -17.92 1.36
C GLU A 16 -5.69 -16.50 1.46
N GLU A 17 -4.86 -15.59 1.93
CA GLU A 17 -5.30 -14.20 2.03
C GLU A 17 -5.56 -13.64 0.64
N LEU A 18 -4.61 -13.82 -0.27
CA LEU A 18 -4.78 -13.25 -1.59
C LEU A 18 -5.99 -13.86 -2.30
N LYS A 19 -6.27 -15.14 -2.06
CA LYS A 19 -7.47 -15.76 -2.63
C LYS A 19 -8.69 -15.06 -2.12
N LYS A 20 -8.73 -14.78 -0.83
CA LYS A 20 -9.86 -14.09 -0.24
C LYS A 20 -9.97 -12.67 -0.76
N LEU A 21 -8.83 -11.97 -0.90
CA LEU A 21 -8.90 -10.58 -1.36
C LEU A 21 -9.24 -10.47 -2.83
N ALA A 22 -8.83 -11.47 -3.61
CA ALA A 22 -9.25 -11.53 -5.02
C ALA A 22 -10.74 -11.78 -5.13
N LYS A 23 -11.28 -12.66 -4.27
CA LYS A 23 -12.69 -13.01 -4.30
C LYS A 23 -13.54 -11.83 -3.87
N GLN A 24 -13.03 -11.02 -2.93
CA GLN A 24 -13.74 -9.81 -2.55
C GLN A 24 -13.59 -8.71 -3.57
N GLY A 25 -12.45 -8.71 -4.28
CA GLY A 25 -12.31 -7.90 -5.48
C GLY A 25 -11.18 -6.88 -5.44
N TRP A 26 -10.58 -6.66 -4.27
CA TRP A 26 -9.65 -5.57 -4.14
C TRP A 26 -8.17 -5.93 -4.22
N TYR A 27 -7.88 -7.21 -4.38
CA TYR A 27 -6.59 -7.63 -4.94
C TYR A 27 -6.82 -7.88 -6.43
N TRP A 28 -6.12 -7.07 -7.25
CA TRP A 28 -6.34 -7.07 -8.69
C TRP A 28 -5.37 -7.94 -9.47
N GLY A 29 -4.40 -8.55 -8.80
CA GLY A 29 -3.48 -9.43 -9.49
C GLY A 29 -2.60 -8.65 -10.45
N PRO A 30 -2.39 -9.19 -11.65
CA PRO A 30 -1.36 -8.67 -12.54
C PRO A 30 -1.80 -7.46 -13.37
N ILE A 31 -2.00 -6.35 -12.69
CA ILE A 31 -2.18 -5.07 -13.37
C ILE A 31 -0.96 -4.16 -13.10
N THR A 32 -0.61 -3.32 -14.08
CA THR A 32 0.54 -2.43 -13.99
C THR A 32 0.16 -1.16 -13.23
N ARG A 33 1.17 -0.36 -12.91
CA ARG A 33 0.93 0.93 -12.28
C ARG A 33 0.05 1.82 -13.16
N TRP A 34 0.20 1.74 -14.48
CA TRP A 34 -0.61 2.57 -15.39
C TRP A 34 -2.04 2.09 -15.42
N GLU A 35 -2.24 0.78 -15.44
CA GLU A 35 -3.61 0.26 -15.37
C GLU A 35 -4.28 0.70 -14.04
N ALA A 36 -3.54 0.60 -12.94
CA ALA A 36 -4.09 1.01 -11.64
C ALA A 36 -4.50 2.47 -11.64
N GLU A 37 -3.68 3.32 -12.28
CA GLU A 37 -4.00 4.74 -12.37
C GLU A 37 -5.35 4.94 -13.09
N GLY A 38 -5.58 4.15 -14.13
CA GLY A 38 -6.87 4.19 -14.85
C GLY A 38 -8.02 3.74 -13.95
N LYS A 39 -7.82 2.68 -13.17
CA LYS A 39 -8.89 2.16 -12.31
C LYS A 39 -9.27 3.10 -11.19
N LEU A 40 -8.31 3.89 -10.75
CA LEU A 40 -8.51 4.85 -9.67
C LEU A 40 -8.78 6.28 -10.17
N ALA A 41 -8.88 6.49 -11.48
CA ALA A 41 -9.08 7.84 -12.04
C ALA A 41 -10.36 8.52 -11.55
N ASN A 42 -11.43 7.76 -11.34
CA ASN A 42 -12.73 8.36 -11.04
C ASN A 42 -13.33 7.79 -9.79
N VAL A 43 -12.50 7.55 -8.79
CA VAL A 43 -12.98 7.16 -7.47
C VAL A 43 -12.56 8.23 -6.48
N PRO A 44 -13.22 8.27 -5.31
CA PRO A 44 -12.86 9.31 -4.35
C PRO A 44 -11.46 9.20 -3.79
N ASP A 45 -10.89 10.32 -3.36
CA ASP A 45 -9.60 10.29 -2.69
C ASP A 45 -9.71 9.33 -1.52
N GLY A 46 -8.61 8.65 -1.26
CA GLY A 46 -8.51 7.67 -0.21
C GLY A 46 -8.73 6.24 -0.67
N SER A 47 -9.32 6.07 -1.85
CA SER A 47 -9.60 4.76 -2.39
C SER A 47 -8.28 4.07 -2.72
N PHE A 48 -8.25 2.75 -2.58
CA PHE A 48 -7.03 2.00 -2.82
C PHE A 48 -7.28 0.59 -3.32
N LEU A 49 -6.22 0.00 -3.85
CA LEU A 49 -6.22 -1.39 -4.27
C LEU A 49 -4.83 -1.99 -4.07
N VAL A 50 -4.80 -3.31 -4.01
CA VAL A 50 -3.57 -4.06 -3.98
C VAL A 50 -3.44 -4.83 -5.29
N ARG A 51 -2.20 -4.97 -5.74
CA ARG A 51 -1.92 -5.59 -7.02
C ARG A 51 -0.53 -6.17 -7.00
N ASP A 52 -0.21 -6.93 -8.04
CA ASP A 52 1.17 -7.38 -8.20
C ASP A 52 2.09 -6.21 -8.54
N SER A 53 3.32 -6.25 -8.07
CA SER A 53 4.36 -5.31 -8.46
C SER A 53 5.04 -5.76 -9.75
N SER A 54 5.34 -4.78 -10.61
CA SER A 54 6.10 -5.07 -11.81
C SER A 54 7.60 -5.16 -11.56
N ASP A 55 8.04 -4.79 -10.37
CA ASP A 55 9.47 -4.78 -10.03
C ASP A 55 9.88 -6.15 -9.52
N ASP A 56 10.99 -6.68 -10.05
CA ASP A 56 11.44 -8.02 -9.68
C ASP A 56 11.80 -8.14 -8.20
N ARG A 57 12.06 -7.02 -7.53
CA ARG A 57 12.42 -7.05 -6.11
C ARG A 57 11.24 -7.20 -5.14
N TYR A 58 10.01 -7.13 -5.66
CA TYR A 58 8.79 -7.10 -4.86
C TYR A 58 7.71 -7.94 -5.47
N LEU A 59 6.78 -8.42 -4.65
CA LEU A 59 5.66 -9.18 -5.18
C LEU A 59 4.37 -8.37 -5.27
N LEU A 60 4.19 -7.41 -4.36
CA LEU A 60 2.94 -6.70 -4.26
C LEU A 60 3.16 -5.22 -4.12
N SER A 61 2.17 -4.48 -4.59
CA SER A 61 2.13 -3.01 -4.48
C SER A 61 0.75 -2.53 -4.08
N LEU A 62 0.74 -1.39 -3.40
CA LEU A 62 -0.47 -0.66 -3.03
C LEU A 62 -0.57 0.56 -3.95
N SER A 63 -1.75 0.75 -4.55
CA SER A 63 -2.03 1.97 -5.29
C SER A 63 -3.19 2.68 -4.60
N PHE A 64 -3.08 4.02 -4.52
CA PHE A 64 -4.08 4.77 -3.77
C PHE A 64 -4.25 6.18 -4.33
N ARG A 65 -5.45 6.73 -4.17
CA ARG A 65 -5.78 8.05 -4.71
C ARG A 65 -5.64 9.11 -3.62
N SER A 66 -4.95 10.22 -3.95
CA SER A 66 -4.93 11.40 -3.08
C SER A 66 -4.69 12.67 -3.87
N HIS A 67 -5.43 13.70 -3.54
CA HIS A 67 -5.18 15.03 -4.11
C HIS A 67 -4.99 15.04 -5.63
N GLY A 68 -5.83 14.33 -6.36
CA GLY A 68 -5.76 14.36 -7.83
C GLY A 68 -4.66 13.52 -8.48
N LYS A 69 -4.12 12.61 -7.72
CA LYS A 69 -3.01 11.78 -8.16
C LYS A 69 -3.30 10.36 -7.68
N THR A 70 -2.85 9.39 -8.47
CA THR A 70 -2.73 8.02 -7.96
C THR A 70 -1.25 7.82 -7.66
N LEU A 71 -1.02 7.37 -6.42
CA LEU A 71 0.30 7.12 -5.90
C LEU A 71 0.44 5.62 -5.67
N HIS A 72 1.68 5.16 -5.67
CA HIS A 72 1.97 3.74 -5.51
C HIS A 72 3.07 3.52 -4.50
N THR A 73 3.02 2.40 -3.79
CA THR A 73 4.15 1.98 -2.95
C THR A 73 4.22 0.47 -2.96
N ARG A 74 5.43 -0.06 -2.86
CA ARG A 74 5.62 -1.49 -2.79
C ARG A 74 5.49 -2.00 -1.38
N ILE A 75 5.16 -3.28 -1.30
CA ILE A 75 5.01 -3.94 -0.01
C ILE A 75 6.16 -4.96 0.10
N GLU A 76 6.84 -4.92 1.22
CA GLU A 76 7.90 -5.85 1.55
C GLU A 76 7.30 -7.04 2.35
N HIS A 77 7.78 -8.25 2.08
CA HIS A 77 7.33 -9.42 2.78
C HIS A 77 8.55 -10.25 3.16
N SER A 78 8.79 -10.39 4.45
CA SER A 78 9.90 -11.19 4.90
C SER A 78 9.63 -11.70 6.30
N ASN A 79 10.12 -12.90 6.59
CA ASN A 79 9.96 -13.50 7.93
C ASN A 79 8.51 -13.56 8.36
N GLY A 80 7.61 -13.81 7.40
CA GLY A 80 6.20 -13.98 7.65
C GLY A 80 5.46 -12.68 7.91
N ARG A 81 6.12 -11.55 7.68
CA ARG A 81 5.54 -10.25 8.02
C ARG A 81 5.61 -9.31 6.81
N PHE A 82 4.84 -8.23 6.89
CA PHE A 82 4.68 -7.30 5.81
C PHE A 82 4.87 -5.87 6.29
N SER A 83 5.47 -5.04 5.44
CA SER A 83 5.60 -3.64 5.68
C SER A 83 5.56 -2.93 4.34
N PHE A 84 5.53 -1.63 4.33
CA PHE A 84 5.79 -0.93 3.11
C PHE A 84 7.31 -0.88 2.85
N TYR A 85 7.68 -0.77 1.57
CA TYR A 85 9.09 -0.84 1.24
C TYR A 85 9.85 0.38 1.73
N GLU A 86 11.16 0.21 1.83
CA GLU A 86 12.06 1.27 2.33
C GLU A 86 11.67 1.74 3.72
N GLN A 87 11.22 0.81 4.54
CA GLN A 87 11.00 1.07 5.96
C GLN A 87 11.97 0.15 6.73
N PRO A 88 13.24 0.54 6.82
CA PRO A 88 14.16 -0.30 7.59
C PRO A 88 13.84 -0.33 9.10
N ASP A 89 14.17 -1.45 9.74
CA ASP A 89 13.96 -1.60 11.17
C ASP A 89 12.50 -1.27 11.62
N VAL A 90 11.54 -1.98 11.04
CA VAL A 90 10.16 -1.96 11.52
C VAL A 90 9.75 -3.39 11.87
N GLU A 91 8.77 -3.55 12.74
CA GLU A 91 8.33 -4.88 13.15
C GLU A 91 7.46 -5.56 12.11
N GLY A 92 6.67 -4.77 11.38
CA GLY A 92 5.82 -5.33 10.35
C GLY A 92 4.55 -5.92 10.94
N HIS A 93 3.73 -6.45 10.06
CA HIS A 93 2.41 -6.97 10.35
C HIS A 93 2.28 -8.37 9.82
N THR A 94 1.40 -9.18 10.41
CA THR A 94 1.34 -10.60 10.01
C THR A 94 0.49 -10.90 8.78
N SER A 95 -0.15 -9.87 8.21
CA SER A 95 -0.92 -10.04 6.97
C SER A 95 -1.01 -8.72 6.25
N ILE A 96 -1.35 -8.83 4.97
CA ILE A 96 -1.64 -7.67 4.15
C ILE A 96 -2.78 -6.87 4.76
N VAL A 97 -3.85 -7.55 5.17
CA VAL A 97 -4.99 -6.89 5.75
C VAL A 97 -4.56 -6.15 7.02
N ASP A 98 -3.76 -6.79 7.86
CA ASP A 98 -3.31 -6.12 9.10
C ASP A 98 -2.46 -4.87 8.77
N LEU A 99 -1.59 -4.97 7.76
CA LEU A 99 -0.78 -3.83 7.29
C LEU A 99 -1.68 -2.68 6.84
N ILE A 100 -2.68 -3.00 6.03
CA ILE A 100 -3.60 -1.96 5.54
C ILE A 100 -4.46 -1.40 6.66
N GLU A 101 -4.96 -2.26 7.52
CA GLU A 101 -5.78 -1.80 8.64
C GLU A 101 -5.00 -0.86 9.55
N HIS A 102 -3.73 -1.18 9.78
CA HIS A 102 -2.88 -0.30 10.56
C HIS A 102 -2.75 1.05 9.91
N SER A 103 -2.59 1.04 8.59
CA SER A 103 -2.45 2.29 7.82
C SER A 103 -3.76 3.10 7.84
N ILE A 104 -4.89 2.42 7.76
CA ILE A 104 -6.16 3.10 7.85
C ILE A 104 -6.28 3.76 9.22
N GLY A 105 -5.91 3.06 10.28
CA GLY A 105 -5.96 3.62 11.62
C GLY A 105 -5.06 4.85 11.73
N ASP A 106 -3.85 4.76 11.18
CA ASP A 106 -2.94 5.91 11.15
C ASP A 106 -3.57 7.06 10.35
N SER A 107 -4.24 6.74 9.25
CA SER A 107 -4.93 7.77 8.46
C SER A 107 -5.98 8.48 9.31
N GLU A 108 -6.72 7.71 10.12
CA GLU A 108 -7.76 8.28 10.97
C GLU A 108 -7.18 9.25 12.02
N ASN A 109 -5.94 9.04 12.43
CA ASN A 109 -5.29 9.85 13.44
C ASN A 109 -4.44 10.99 12.87
N GLY A 110 -4.21 10.98 11.56
CA GLY A 110 -3.42 12.01 10.91
C GLY A 110 -1.95 11.64 10.81
N ALA A 111 -1.65 10.34 10.88
CA ALA A 111 -0.28 9.82 10.88
C ALA A 111 0.11 9.03 9.63
N PHE A 112 -0.79 8.89 8.67
CA PHE A 112 -0.50 8.19 7.41
C PHE A 112 -0.01 9.24 6.43
N CYS A 113 1.26 9.15 6.04
CA CYS A 113 1.85 10.17 5.19
C CYS A 113 2.94 9.54 4.34
N TYR A 114 3.22 10.22 3.24
CA TYR A 114 4.25 9.78 2.33
C TYR A 114 5.28 10.85 2.05
N SER A 115 6.44 10.39 1.56
CA SER A 115 7.47 11.27 1.04
C SER A 115 7.87 10.83 -0.36
N ARG A 116 8.52 11.73 -1.09
CA ARG A 116 9.05 11.43 -2.41
C ARG A 116 10.56 11.12 -2.37
N SER A 117 11.12 11.06 -1.16
CA SER A 117 12.54 10.76 -0.95
C SER A 117 12.73 10.19 0.44
N ARG A 118 13.78 9.40 0.63
CA ARG A 118 14.19 8.97 1.95
C ARG A 118 15.35 9.78 2.48
N LEU A 119 15.71 10.88 1.81
CA LEU A 119 16.73 11.74 2.34
C LEU A 119 16.28 12.25 3.71
N PRO A 120 17.19 12.35 4.69
CA PRO A 120 16.76 12.89 5.99
C PRO A 120 16.24 14.29 5.84
N GLY A 121 15.08 14.57 6.42
CA GLY A 121 14.49 15.90 6.28
C GLY A 121 13.49 16.06 5.15
N SER A 122 13.29 15.00 4.35
CA SER A 122 12.29 15.05 3.30
CA SER A 122 12.30 15.06 3.29
C SER A 122 10.90 15.37 3.86
N ALA A 123 10.14 16.17 3.12
CA ALA A 123 8.79 16.53 3.51
C ALA A 123 7.89 15.32 3.43
N THR A 124 6.89 15.29 4.31
CA THR A 124 5.86 14.27 4.29
C THR A 124 4.52 14.95 4.07
N TYR A 125 3.63 14.18 3.46
CA TYR A 125 2.34 14.68 2.99
C TYR A 125 1.26 13.72 3.46
N PRO A 126 0.22 14.27 4.11
CA PRO A 126 -0.81 13.39 4.67
C PRO A 126 -1.76 12.83 3.62
N VAL A 127 -2.20 11.60 3.84
CA VAL A 127 -3.23 11.02 3.01
C VAL A 127 -4.28 10.34 3.91
N ARG A 128 -5.58 10.52 3.61
N ARG A 128 -5.55 10.40 3.50
CA ARG A 128 -6.66 9.83 4.36
CA ARG A 128 -6.60 9.57 4.11
C ARG A 128 -7.18 8.64 3.53
C ARG A 128 -6.70 8.29 3.27
N LEU A 129 -6.91 7.41 3.97
N LEU A 129 -6.55 7.12 3.90
CA LEU A 129 -7.37 6.25 3.21
CA LEU A 129 -6.71 5.81 3.26
C LEU A 129 -8.81 6.01 3.54
C LEU A 129 -8.05 5.25 3.73
N THR A 130 -9.53 5.46 2.57
N THR A 130 -8.95 4.89 2.80
CA THR A 130 -10.92 5.19 2.84
CA THR A 130 -10.35 4.64 3.16
C THR A 130 -11.21 3.69 2.59
C THR A 130 -10.94 3.36 2.58
N ASN A 131 -11.49 3.37 1.34
CA ASN A 131 -12.16 2.18 0.87
C ASN A 131 -11.40 1.45 -0.20
N PRO A 132 -11.41 0.11 -0.13
CA PRO A 132 -10.81 -0.66 -1.20
C PRO A 132 -11.68 -0.62 -2.42
N VAL A 133 -11.05 -0.71 -3.59
CA VAL A 133 -11.75 -0.66 -4.87
C VAL A 133 -11.86 -2.08 -5.45
N SER A 134 -13.08 -2.48 -5.79
CA SER A 134 -13.35 -3.79 -6.35
C SER A 134 -13.15 -3.80 -7.86
N ARG A 135 -12.53 -4.89 -8.28
CA ARG A 135 -12.35 -5.19 -9.70
C ARG A 135 -13.62 -5.62 -10.43
N PHE A 136 -14.66 -5.97 -9.69
CA PHE A 136 -15.90 -6.51 -10.28
C PHE A 136 -16.87 -5.42 -10.73
N MET A 137 -17.54 -5.66 -11.85
CA MET A 137 -18.37 -4.60 -12.45
C MET A 137 -19.65 -4.28 -11.67
N GLN A 138 -20.02 -5.18 -10.76
CA GLN A 138 -21.01 -4.86 -9.72
C GLN A 138 -20.88 -5.83 -8.54
N ASN B 3 7.32 8.18 -11.71
CA ASN B 3 6.48 6.95 -11.82
C ASN B 3 5.37 6.92 -10.74
N ASN B 4 5.31 7.98 -9.93
CA ASN B 4 4.31 8.17 -8.88
C ASN B 4 4.49 7.18 -7.70
N PTR B 5 5.66 6.52 -7.60
CA PTR B 5 6.00 5.72 -6.42
C PTR B 5 6.52 6.63 -5.29
O PTR B 5 7.31 7.57 -5.52
CB PTR B 5 6.99 4.57 -6.67
CG PTR B 5 6.37 3.34 -7.32
CD1 PTR B 5 6.02 2.23 -6.59
CD2 PTR B 5 6.06 3.32 -8.67
CE1 PTR B 5 5.41 1.13 -7.18
CE2 PTR B 5 5.45 2.22 -9.25
CZ PTR B 5 5.14 1.12 -8.51
OH PTR B 5 4.59 0.13 -9.09
P PTR B 5 5.35 -1.27 -9.38
O1P PTR B 5 4.37 -2.12 -10.21
O2P PTR B 5 6.58 -0.91 -10.12
O3P PTR B 5 5.68 -1.86 -8.02
N VAL B 6 6.02 6.36 -4.09
CA VAL B 6 6.27 7.14 -2.90
C VAL B 6 6.59 6.22 -1.72
N TYR B 7 7.13 6.81 -0.66
CA TYR B 7 7.57 6.10 0.52
C TYR B 7 6.66 6.45 1.69
N ILE B 8 6.10 5.44 2.34
CA ILE B 8 5.23 5.66 3.47
C ILE B 8 6.10 5.84 4.71
N ASP B 9 5.81 6.89 5.47
CA ASP B 9 6.58 7.24 6.65
C ASP B 9 6.23 6.21 7.74
N PRO B 10 7.24 5.58 8.35
CA PRO B 10 6.95 4.60 9.36
C PRO B 10 6.37 5.20 10.66
N THR B 11 5.43 4.50 11.29
CA THR B 11 4.81 4.95 12.55
C THR B 11 5.01 3.88 13.63
C1 EDO C . 10.73 16.00 -0.68
O1 EDO C . 11.01 16.76 0.52
C2 EDO C . 9.30 15.45 -0.68
O2 EDO C . 9.20 14.25 0.14
#